data_7MRH
#
_entry.id   7MRH
#
_cell.length_a   66.640
_cell.length_b   29.820
_cell.length_c   73.220
_cell.angle_alpha   90.000
_cell.angle_beta   98.560
_cell.angle_gamma   90.000
#
_symmetry.space_group_name_H-M   'P 1 21 1'
#
loop_
_entity.id
_entity.type
_entity.pdbx_description
1 polymer 'Bromodomain testis-specific protein'
2 non-polymer N-[3-(2-methyl-1-oxo-1,2-dihydroisoquinolin-4-yl)phenyl]ethanesulfonamide
3 water water
#
_entity_poly.entity_id   1
_entity_poly.type   'polypeptide(L)'
_entity_poly.pdbx_seq_one_letter_code
;GAASTNQLQYLQKVVLKDLWKHSFSWPFQRPVDAVKLQLPDYYTIIKNPMDLNTIKKRLENKYYAKASECIEDFNTMFSN
CYLYNKPGDDIVLMAQALEKLFMQKLSQMPQEE
;
_entity_poly.pdbx_strand_id   A,B
#
# COMPACT_ATOMS: atom_id res chain seq x y z
N SER A 4 2.82 -19.33 4.80
CA SER A 4 2.56 -20.45 5.69
C SER A 4 1.07 -20.66 5.90
N THR A 5 0.70 -21.83 6.43
CA THR A 5 -0.71 -22.13 6.62
C THR A 5 -1.32 -21.32 7.76
N ASN A 6 -0.55 -21.07 8.83
CA ASN A 6 -1.04 -20.22 9.91
C ASN A 6 -1.35 -18.82 9.41
N GLN A 7 -0.50 -18.28 8.52
CA GLN A 7 -0.68 -16.90 8.08
C GLN A 7 -1.83 -16.76 7.08
N LEU A 8 -1.89 -17.62 6.06
CA LEU A 8 -3.04 -17.63 5.15
C LEU A 8 -4.31 -17.78 5.94
N GLN A 9 -4.21 -18.53 7.03
CA GLN A 9 -5.32 -18.80 7.93
C GLN A 9 -5.76 -17.51 8.62
N TYR A 10 -4.79 -16.73 9.11
CA TYR A 10 -5.06 -15.42 9.70
C TYR A 10 -5.61 -14.46 8.66
N LEU A 11 -5.07 -14.50 7.44
CA LEU A 11 -5.52 -13.58 6.39
C LEU A 11 -6.98 -13.81 6.05
N GLN A 12 -7.47 -15.04 6.18
CA GLN A 12 -8.84 -15.35 5.82
C GLN A 12 -9.80 -14.99 6.96
N LYS A 13 -9.61 -15.58 8.14
CA LYS A 13 -10.56 -15.33 9.24
C LYS A 13 -10.33 -14.05 10.04
N VAL A 14 -9.24 -13.32 9.82
CA VAL A 14 -9.02 -12.10 10.57
C VAL A 14 -8.99 -10.90 9.63
N VAL A 15 -8.02 -10.88 8.72
CA VAL A 15 -7.82 -9.71 7.87
C VAL A 15 -8.98 -9.53 6.91
N LEU A 16 -9.33 -10.59 6.18
CA LEU A 16 -10.43 -10.50 5.23
C LEU A 16 -11.75 -10.17 5.91
N LYS A 17 -12.02 -10.82 7.06
CA LYS A 17 -13.30 -10.62 7.73
C LYS A 17 -13.44 -9.19 8.23
N ASP A 18 -12.37 -8.61 8.78
CA ASP A 18 -12.46 -7.27 9.33
C ASP A 18 -12.53 -6.21 8.24
N LEU A 19 -11.84 -6.41 7.12
CA LEU A 19 -11.98 -5.50 6.00
C LEU A 19 -13.41 -5.51 5.48
N TRP A 20 -14.00 -6.70 5.34
CA TRP A 20 -15.35 -6.82 4.81
C TRP A 20 -16.37 -6.13 5.71
N LYS A 21 -16.21 -6.23 7.04
CA LYS A 21 -17.20 -5.64 7.94
C LYS A 21 -17.07 -4.12 8.01
N HIS A 22 -15.94 -3.56 7.56
CA HIS A 22 -15.78 -2.11 7.54
C HIS A 22 -16.86 -1.47 6.68
N SER A 23 -17.40 -0.35 7.16
N SER A 23 -17.40 -0.34 7.15
CA SER A 23 -18.51 0.32 6.48
CA SER A 23 -18.52 0.30 6.48
C SER A 23 -18.16 0.74 5.07
C SER A 23 -18.17 0.75 5.07
N PHE A 24 -16.88 0.92 4.76
CA PHE A 24 -16.44 1.42 3.47
C PHE A 24 -16.05 0.30 2.50
N SER A 25 -16.33 -0.95 2.83
CA SER A 25 -15.84 -2.05 2.01
C SER A 25 -16.70 -2.33 0.78
N TRP A 26 -17.95 -1.86 0.76
CA TRP A 26 -18.87 -2.32 -0.27
C TRP A 26 -18.41 -2.09 -1.71
N PRO A 27 -17.73 -0.99 -2.09
CA PRO A 27 -17.27 -0.87 -3.48
C PRO A 27 -16.20 -1.89 -3.85
N PHE A 28 -15.64 -2.59 -2.88
CA PHE A 28 -14.54 -3.52 -3.10
C PHE A 28 -14.96 -4.99 -2.96
N GLN A 29 -16.25 -5.25 -2.74
CA GLN A 29 -16.73 -6.60 -2.47
C GLN A 29 -16.95 -7.45 -3.72
N ARG A 30 -16.90 -6.84 -4.90
CA ARG A 30 -17.01 -7.55 -6.16
C ARG A 30 -16.07 -6.87 -7.13
N PRO A 31 -15.70 -7.53 -8.23
CA PRO A 31 -14.87 -6.85 -9.23
C PRO A 31 -15.52 -5.58 -9.76
N VAL A 32 -14.69 -4.58 -10.01
CA VAL A 32 -15.15 -3.37 -10.69
C VAL A 32 -15.81 -3.78 -12.01
N ASP A 33 -17.09 -3.48 -12.15
CA ASP A 33 -17.84 -3.83 -13.36
C ASP A 33 -17.82 -2.60 -14.26
N ALA A 34 -16.89 -2.58 -15.21
CA ALA A 34 -16.66 -1.37 -15.99
C ALA A 34 -17.83 -1.07 -16.93
N VAL A 35 -18.59 -2.09 -17.34
CA VAL A 35 -19.76 -1.84 -18.17
C VAL A 35 -20.88 -1.22 -17.34
N LYS A 36 -21.13 -1.78 -16.16
CA LYS A 36 -22.15 -1.22 -15.26
C LYS A 36 -21.84 0.23 -14.92
N LEU A 37 -20.58 0.53 -14.63
CA LEU A 37 -20.15 1.86 -14.20
C LEU A 37 -19.78 2.77 -15.36
N GLN A 38 -19.83 2.26 -16.59
CA GLN A 38 -19.49 3.03 -17.78
C GLN A 38 -18.10 3.66 -17.67
N LEU A 39 -17.10 2.78 -17.52
CA LEU A 39 -15.70 3.16 -17.42
C LEU A 39 -14.99 2.56 -18.63
N PRO A 40 -14.95 3.28 -19.75
CA PRO A 40 -14.50 2.66 -21.01
C PRO A 40 -13.03 2.23 -21.01
N ASP A 41 -12.20 2.81 -20.15
CA ASP A 41 -10.78 2.52 -20.15
C ASP A 41 -10.32 1.63 -19.00
N TYR A 42 -11.22 1.19 -18.12
CA TYR A 42 -10.80 0.48 -16.91
C TYR A 42 -10.06 -0.82 -17.25
N TYR A 43 -10.68 -1.69 -18.06
CA TYR A 43 -10.05 -2.97 -18.38
C TYR A 43 -8.79 -2.79 -19.22
N THR A 44 -8.64 -1.64 -19.86
CA THR A 44 -7.45 -1.38 -20.68
C THR A 44 -6.25 -1.03 -19.82
N ILE A 45 -6.43 -0.15 -18.83
CA ILE A 45 -5.28 0.38 -18.11
C ILE A 45 -5.05 -0.28 -16.75
N ILE A 46 -6.03 -0.98 -16.22
CA ILE A 46 -5.86 -1.75 -14.99
C ILE A 46 -5.70 -3.22 -15.40
N LYS A 47 -4.44 -3.67 -15.45
CA LYS A 47 -4.13 -4.95 -16.08
C LYS A 47 -4.61 -6.14 -15.25
N ASN A 48 -4.58 -6.03 -13.93
CA ASN A 48 -4.99 -7.12 -13.04
C ASN A 48 -6.00 -6.60 -12.03
N PRO A 49 -7.26 -6.49 -12.41
CA PRO A 49 -8.28 -6.06 -11.44
C PRO A 49 -8.34 -7.05 -10.28
N MET A 50 -8.67 -6.53 -9.10
CA MET A 50 -8.71 -7.37 -7.92
C MET A 50 -9.71 -6.80 -6.93
N ASP A 51 -10.33 -7.68 -6.15
CA ASP A 51 -11.41 -7.30 -5.24
C ASP A 51 -11.46 -8.29 -4.08
N LEU A 52 -12.24 -7.92 -3.05
CA LEU A 52 -12.30 -8.75 -1.84
C LEU A 52 -12.92 -10.12 -2.09
N ASN A 53 -13.85 -10.23 -3.04
CA ASN A 53 -14.47 -11.53 -3.29
C ASN A 53 -13.52 -12.48 -4.02
N THR A 54 -12.71 -11.95 -4.95
CA THR A 54 -11.72 -12.79 -5.60
C THR A 54 -10.73 -13.35 -4.58
N ILE A 55 -10.23 -12.50 -3.69
CA ILE A 55 -9.31 -12.97 -2.64
C ILE A 55 -9.99 -14.01 -1.77
N LYS A 56 -11.24 -13.75 -1.40
CA LYS A 56 -11.97 -14.67 -0.53
C LYS A 56 -12.07 -16.06 -1.17
N LYS A 57 -12.46 -16.12 -2.45
CA LYS A 57 -12.60 -17.42 -3.10
C LYS A 57 -11.24 -18.09 -3.26
N ARG A 58 -10.19 -17.31 -3.52
CA ARG A 58 -8.85 -17.89 -3.66
C ARG A 58 -8.39 -18.49 -2.34
N LEU A 59 -8.62 -17.79 -1.22
CA LEU A 59 -8.32 -18.34 0.10
C LEU A 59 -9.17 -19.56 0.39
N GLU A 60 -10.45 -19.52 0.01
CA GLU A 60 -11.33 -20.67 0.23
C GLU A 60 -10.86 -21.88 -0.56
N ASN A 61 -10.39 -21.65 -1.79
CA ASN A 61 -10.02 -22.72 -2.71
C ASN A 61 -8.57 -23.13 -2.57
N LYS A 62 -7.86 -22.64 -1.55
CA LYS A 62 -6.45 -22.98 -1.33
C LYS A 62 -5.60 -22.61 -2.56
N TYR A 63 -5.91 -21.47 -3.16
CA TYR A 63 -5.24 -21.05 -4.39
C TYR A 63 -3.83 -20.53 -4.09
N TYR A 64 -3.65 -19.82 -2.98
CA TYR A 64 -2.34 -19.30 -2.63
C TYR A 64 -1.50 -20.36 -1.95
N ALA A 65 -0.22 -20.40 -2.31
CA ALA A 65 0.72 -21.28 -1.64
C ALA A 65 1.44 -20.59 -0.48
N LYS A 66 1.48 -19.26 -0.48
CA LYS A 66 2.17 -18.49 0.55
C LYS A 66 1.38 -17.24 0.86
N ALA A 67 1.49 -16.78 2.11
CA ALA A 67 0.75 -15.59 2.53
C ALA A 67 1.16 -14.35 1.73
N SER A 68 2.41 -14.29 1.29
CA SER A 68 2.89 -13.11 0.57
C SER A 68 2.16 -12.92 -0.75
N GLU A 69 1.72 -14.01 -1.39
CA GLU A 69 0.98 -13.86 -2.64
C GLU A 69 -0.43 -13.32 -2.39
N CYS A 70 -1.03 -13.69 -1.27
CA CYS A 70 -2.33 -13.12 -0.93
C CYS A 70 -2.20 -11.66 -0.50
N ILE A 71 -1.12 -11.33 0.21
CA ILE A 71 -0.87 -9.94 0.59
C ILE A 71 -0.67 -9.09 -0.66
N GLU A 72 -0.01 -9.65 -1.68
CA GLU A 72 0.18 -8.92 -2.92
C GLU A 72 -1.15 -8.58 -3.58
N ASP A 73 -2.13 -9.51 -3.54
CA ASP A 73 -3.44 -9.23 -4.12
C ASP A 73 -4.16 -8.11 -3.38
N PHE A 74 -4.08 -8.11 -2.05
CA PHE A 74 -4.63 -6.99 -1.27
C PHE A 74 -4.01 -5.67 -1.71
N ASN A 75 -2.68 -5.63 -1.83
CA ASN A 75 -2.02 -4.38 -2.24
C ASN A 75 -2.44 -3.98 -3.64
N THR A 76 -2.58 -4.97 -4.54
CA THR A 76 -3.02 -4.66 -5.90
C THR A 76 -4.41 -4.06 -5.92
N MET A 77 -5.31 -4.55 -5.06
CA MET A 77 -6.65 -3.97 -5.00
C MET A 77 -6.59 -2.48 -4.63
N PHE A 78 -5.74 -2.12 -3.67
CA PHE A 78 -5.66 -0.72 -3.23
C PHE A 78 -4.99 0.15 -4.29
N SER A 79 -3.85 -0.30 -4.84
CA SER A 79 -3.14 0.53 -5.79
C SER A 79 -3.87 0.64 -7.13
N ASN A 80 -4.63 -0.40 -7.51
CA ASN A 80 -5.52 -0.29 -8.66
C ASN A 80 -6.45 0.90 -8.50
N CYS A 81 -7.05 1.02 -7.32
CA CYS A 81 -7.97 2.12 -7.03
C CYS A 81 -7.25 3.47 -7.05
N TYR A 82 -6.08 3.54 -6.42
CA TYR A 82 -5.32 4.79 -6.44
C TYR A 82 -4.89 5.16 -7.86
N LEU A 83 -4.48 4.17 -8.65
CA LEU A 83 -4.00 4.44 -10.00
C LEU A 83 -5.12 4.91 -10.91
N TYR A 84 -6.29 4.28 -10.83
CA TYR A 84 -7.38 4.64 -11.74
C TYR A 84 -8.00 5.98 -11.37
N ASN A 85 -8.13 6.26 -10.09
CA ASN A 85 -8.87 7.42 -9.63
C ASN A 85 -7.90 8.58 -9.35
N LYS A 86 -8.44 9.66 -8.83
CA LYS A 86 -7.68 10.88 -8.59
C LYS A 86 -7.69 11.23 -7.11
N PRO A 87 -6.70 12.00 -6.64
CA PRO A 87 -6.73 12.45 -5.25
C PRO A 87 -7.98 13.27 -4.96
N GLY A 88 -8.54 13.06 -3.77
CA GLY A 88 -9.74 13.74 -3.38
C GLY A 88 -11.04 13.02 -3.73
N ASP A 89 -10.98 12.02 -4.62
CA ASP A 89 -12.17 11.24 -4.93
C ASP A 89 -12.63 10.49 -3.68
N ASP A 90 -13.95 10.45 -3.47
CA ASP A 90 -14.48 9.73 -2.33
C ASP A 90 -14.13 8.25 -2.36
N ILE A 91 -14.05 7.64 -3.54
CA ILE A 91 -13.65 6.22 -3.58
C ILE A 91 -12.25 6.05 -3.01
N VAL A 92 -11.38 7.05 -3.20
CA VAL A 92 -10.01 6.96 -2.71
C VAL A 92 -9.99 7.04 -1.19
N LEU A 93 -10.80 7.92 -0.60
CA LEU A 93 -10.89 7.99 0.85
C LEU A 93 -11.32 6.67 1.47
N MET A 94 -12.28 5.97 0.84
CA MET A 94 -12.67 4.69 1.42
C MET A 94 -11.58 3.65 1.23
N ALA A 95 -10.90 3.64 0.08
CA ALA A 95 -9.76 2.74 -0.08
C ALA A 95 -8.68 3.01 0.97
N GLN A 96 -8.42 4.28 1.25
CA GLN A 96 -7.39 4.63 2.23
C GLN A 96 -7.78 4.19 3.64
N ALA A 97 -9.06 4.27 3.98
CA ALA A 97 -9.50 3.80 5.29
C ALA A 97 -9.32 2.29 5.41
N LEU A 98 -9.70 1.54 4.38
CA LEU A 98 -9.52 0.10 4.42
C LEU A 98 -8.04 -0.27 4.42
N GLU A 99 -7.22 0.47 3.68
CA GLU A 99 -5.81 0.12 3.64
C GLU A 99 -5.14 0.41 4.97
N LYS A 100 -5.58 1.45 5.68
CA LYS A 100 -5.12 1.68 7.04
C LYS A 100 -5.45 0.50 7.95
N LEU A 101 -6.70 0.01 7.88
CA LEU A 101 -7.09 -1.15 8.67
C LEU A 101 -6.30 -2.39 8.27
N PHE A 102 -6.01 -2.53 6.97
CA PHE A 102 -5.24 -3.68 6.50
C PHE A 102 -3.86 -3.73 7.13
N MET A 103 -3.14 -2.61 7.13
CA MET A 103 -1.82 -2.58 7.73
C MET A 103 -1.89 -2.81 9.25
N GLN A 104 -2.95 -2.37 9.91
CA GLN A 104 -3.07 -2.62 11.35
C GLN A 104 -3.20 -4.11 11.62
N LYS A 105 -4.06 -4.79 10.86
CA LYS A 105 -4.20 -6.23 11.08
C LYS A 105 -2.94 -6.98 10.66
N LEU A 106 -2.21 -6.47 9.66
CA LEU A 106 -1.00 -7.14 9.23
C LEU A 106 0.04 -7.14 10.34
N SER A 107 0.13 -6.04 11.10
CA SER A 107 1.12 -5.97 12.17
C SER A 107 0.84 -6.97 13.28
N GLN A 108 -0.38 -7.49 13.34
CA GLN A 108 -0.78 -8.48 14.35
C GLN A 108 -0.73 -9.91 13.81
N MET A 109 -0.10 -10.11 12.66
CA MET A 109 -0.06 -11.44 12.07
C MET A 109 0.93 -12.32 12.84
N PRO A 110 0.56 -13.56 13.16
CA PRO A 110 1.46 -14.45 13.90
C PRO A 110 2.68 -14.80 13.06
N GLN A 111 3.86 -14.46 13.57
CA GLN A 111 5.12 -14.87 12.95
C GLN A 111 5.46 -16.28 13.40
N GLU A 112 6.71 -16.69 13.21
CA GLU A 112 7.12 -18.03 13.62
C GLU A 112 8.31 -17.97 14.57
N SER B 4 7.87 -0.68 21.12
CA SER B 4 7.80 0.13 19.91
C SER B 4 9.20 0.49 19.40
N THR B 5 10.16 0.54 20.32
CA THR B 5 11.51 0.96 19.95
C THR B 5 12.24 -0.11 19.16
N ASN B 6 12.04 -1.39 19.51
CA ASN B 6 12.58 -2.48 18.70
C ASN B 6 12.05 -2.40 17.27
N GLN B 7 10.75 -2.16 17.10
CA GLN B 7 10.18 -2.09 15.77
C GLN B 7 10.65 -0.85 15.02
N LEU B 8 10.71 0.30 15.69
CA LEU B 8 11.23 1.49 15.03
C LEU B 8 12.70 1.32 14.67
N GLN B 9 13.45 0.58 15.48
CA GLN B 9 14.84 0.29 15.15
C GLN B 9 14.93 -0.56 13.87
N TYR B 10 14.04 -1.54 13.74
CA TYR B 10 14.01 -2.37 12.54
C TYR B 10 13.62 -1.55 11.31
N LEU B 11 12.67 -0.62 11.47
CA LEU B 11 12.26 0.23 10.36
C LEU B 11 13.40 1.11 9.87
N GLN B 12 14.28 1.53 10.77
CA GLN B 12 15.39 2.39 10.38
C GLN B 12 16.56 1.60 9.81
N LYS B 13 17.05 0.61 10.55
CA LYS B 13 18.28 -0.09 10.17
C LYS B 13 18.06 -1.22 9.17
N VAL B 14 16.84 -1.69 8.96
CA VAL B 14 16.57 -2.77 8.00
C VAL B 14 15.71 -2.28 6.83
N VAL B 15 14.48 -1.83 7.11
CA VAL B 15 13.55 -1.49 6.05
C VAL B 15 14.04 -0.29 5.25
N LEU B 16 14.30 0.82 5.94
CA LEU B 16 14.74 2.03 5.26
C LEU B 16 16.05 1.82 4.52
N LYS B 17 17.00 1.11 5.15
CA LYS B 17 18.28 0.87 4.51
C LYS B 17 18.11 0.06 3.23
N ASP B 18 17.31 -1.01 3.28
CA ASP B 18 17.14 -1.88 2.12
C ASP B 18 16.36 -1.20 1.02
N LEU B 19 15.34 -0.41 1.37
CA LEU B 19 14.63 0.35 0.35
C LEU B 19 15.56 1.34 -0.33
N TRP B 20 16.45 1.97 0.45
CA TRP B 20 17.37 2.95 -0.11
C TRP B 20 18.37 2.32 -1.06
N LYS B 21 18.83 1.09 -0.75
CA LYS B 21 19.79 0.40 -1.60
C LYS B 21 19.20 0.00 -2.94
N HIS B 22 17.89 -0.20 -3.00
CA HIS B 22 17.24 -0.69 -4.22
C HIS B 22 17.51 0.28 -5.37
N SER B 23 17.76 -0.27 -6.55
CA SER B 23 18.14 0.54 -7.70
C SER B 23 17.07 1.57 -8.07
N PHE B 24 15.81 1.32 -7.73
CA PHE B 24 14.72 2.20 -8.12
C PHE B 24 14.38 3.25 -7.06
N SER B 25 15.21 3.39 -6.02
CA SER B 25 14.84 4.29 -4.93
C SER B 25 15.12 5.76 -5.24
N TRP B 26 15.92 6.08 -6.25
CA TRP B 26 16.41 7.45 -6.37
C TRP B 26 15.30 8.51 -6.53
N PRO B 27 14.19 8.29 -7.25
CA PRO B 27 13.16 9.34 -7.31
C PRO B 27 12.46 9.60 -5.99
N PHE B 28 12.69 8.76 -4.99
CA PHE B 28 12.03 8.84 -3.70
C PHE B 28 12.97 9.28 -2.58
N GLN B 29 14.23 9.60 -2.88
CA GLN B 29 15.22 9.90 -1.86
C GLN B 29 15.13 11.33 -1.34
N ARG B 30 14.30 12.18 -1.96
CA ARG B 30 14.09 13.55 -1.54
C ARG B 30 12.66 13.91 -1.91
N PRO B 31 12.08 14.94 -1.29
CA PRO B 31 10.71 15.32 -1.63
C PRO B 31 10.57 15.64 -3.12
N VAL B 32 9.40 15.33 -3.66
CA VAL B 32 9.08 15.74 -5.03
C VAL B 32 9.18 17.26 -5.12
N ASP B 33 10.11 17.75 -5.95
CA ASP B 33 10.32 19.17 -6.19
C ASP B 33 9.46 19.61 -7.37
N ALA B 34 8.27 20.15 -7.07
CA ALA B 34 7.29 20.40 -8.12
C ALA B 34 7.70 21.55 -9.03
N VAL B 35 8.52 22.48 -8.53
CA VAL B 35 9.02 23.55 -9.37
C VAL B 35 10.11 23.04 -10.31
N LYS B 36 11.07 22.29 -9.78
CA LYS B 36 12.11 21.71 -10.62
C LYS B 36 11.50 20.83 -11.72
N LEU B 37 10.50 20.03 -11.37
CA LEU B 37 9.86 19.09 -12.28
C LEU B 37 8.74 19.71 -13.10
N GLN B 38 8.38 20.97 -12.84
CA GLN B 38 7.30 21.66 -13.54
C GLN B 38 5.99 20.87 -13.46
N LEU B 39 5.55 20.65 -12.21
CA LEU B 39 4.31 19.95 -11.89
C LEU B 39 3.40 20.96 -11.21
N PRO B 40 2.57 21.71 -11.96
CA PRO B 40 1.89 22.86 -11.36
C PRO B 40 0.83 22.49 -10.34
N ASP B 41 0.28 21.28 -10.40
CA ASP B 41 -0.79 20.88 -9.50
C ASP B 41 -0.34 19.98 -8.36
N TYR B 42 0.95 19.62 -8.29
CA TYR B 42 1.38 18.60 -7.34
C TYR B 42 1.07 19.00 -5.90
N TYR B 43 1.54 20.17 -5.47
CA TYR B 43 1.34 20.60 -4.09
C TYR B 43 -0.13 20.86 -3.79
N THR B 44 -0.94 21.15 -4.80
CA THR B 44 -2.35 21.38 -4.57
C THR B 44 -3.09 20.08 -4.24
N ILE B 45 -2.83 19.03 -5.00
CA ILE B 45 -3.63 17.82 -4.88
C ILE B 45 -2.98 16.69 -4.07
N ILE B 46 -1.67 16.73 -3.86
CA ILE B 46 -0.98 15.81 -2.96
C ILE B 46 -0.83 16.52 -1.61
N LYS B 47 -1.72 16.19 -0.67
CA LYS B 47 -1.86 16.99 0.54
C LYS B 47 -0.66 16.84 1.46
N ASN B 48 -0.16 15.61 1.63
CA ASN B 48 0.97 15.34 2.53
C ASN B 48 2.08 14.66 1.74
N PRO B 49 2.92 15.42 1.06
CA PRO B 49 4.05 14.81 0.36
C PRO B 49 4.95 14.06 1.32
N MET B 50 5.50 12.94 0.86
CA MET B 50 6.36 12.11 1.69
C MET B 50 7.44 11.47 0.82
N ASP B 51 8.58 11.16 1.46
CA ASP B 51 9.77 10.69 0.76
C ASP B 51 10.68 10.00 1.76
N LEU B 52 11.71 9.32 1.24
CA LEU B 52 12.56 8.48 2.08
C LEU B 52 13.44 9.30 3.01
N ASN B 53 13.89 10.48 2.58
CA ASN B 53 14.75 11.29 3.45
C ASN B 53 13.97 11.89 4.61
N THR B 54 12.72 12.29 4.38
CA THR B 54 11.91 12.79 5.49
C THR B 54 11.69 11.70 6.54
N ILE B 55 11.43 10.46 6.09
CA ILE B 55 11.28 9.35 7.01
C ILE B 55 12.58 9.07 7.73
N LYS B 56 13.69 9.09 6.99
CA LYS B 56 15.01 8.89 7.60
C LYS B 56 15.27 9.93 8.69
N LYS B 57 15.01 11.20 8.39
CA LYS B 57 15.25 12.25 9.38
C LYS B 57 14.31 12.10 10.58
N ARG B 58 13.07 11.69 10.34
CA ARG B 58 12.13 11.55 11.45
C ARG B 58 12.53 10.41 12.38
N LEU B 59 13.00 9.29 11.82
CA LEU B 59 13.49 8.18 12.62
C LEU B 59 14.75 8.56 13.39
N GLU B 60 15.67 9.27 12.74
CA GLU B 60 16.90 9.68 13.42
C GLU B 60 16.61 10.62 14.59
N ASN B 61 15.61 11.49 14.43
CA ASN B 61 15.26 12.47 15.44
C ASN B 61 14.24 11.95 16.44
N LYS B 62 13.90 10.66 16.36
CA LYS B 62 12.93 10.04 17.27
C LYS B 62 11.59 10.79 17.23
N TYR B 63 11.15 11.10 16.01
CA TYR B 63 9.91 11.84 15.81
C TYR B 63 8.68 10.96 15.98
N TYR B 64 8.79 9.68 15.65
CA TYR B 64 7.68 8.76 15.76
C TYR B 64 7.60 8.18 17.15
N ALA B 65 6.38 8.08 17.68
CA ALA B 65 6.15 7.42 18.96
C ALA B 65 5.97 5.92 18.79
N LYS B 66 5.34 5.48 17.70
CA LYS B 66 5.11 4.07 17.44
C LYS B 66 5.50 3.73 16.00
N ALA B 67 5.76 2.44 15.77
CA ALA B 67 6.14 1.98 14.45
C ALA B 67 5.00 2.17 13.44
N SER B 68 3.76 2.10 13.90
CA SER B 68 2.61 2.26 12.99
C SER B 68 2.58 3.65 12.37
N GLU B 69 3.03 4.67 13.12
CA GLU B 69 3.13 6.01 12.56
C GLU B 69 4.12 6.06 11.40
N CYS B 70 5.27 5.39 11.56
CA CYS B 70 6.28 5.36 10.51
C CYS B 70 5.81 4.56 9.30
N ILE B 71 5.10 3.45 9.55
CA ILE B 71 4.56 2.65 8.45
C ILE B 71 3.53 3.45 7.65
N GLU B 72 2.75 4.29 8.34
CA GLU B 72 1.81 5.16 7.63
C GLU B 72 2.54 6.09 6.66
N ASP B 73 3.71 6.58 7.04
CA ASP B 73 4.45 7.51 6.18
C ASP B 73 5.00 6.79 4.95
N PHE B 74 5.53 5.58 5.15
CA PHE B 74 5.92 4.76 4.00
C PHE B 74 4.75 4.55 3.06
N ASN B 75 3.59 4.17 3.60
N ASN B 75 3.59 4.17 3.62
CA ASN B 75 2.42 3.92 2.76
CA ASN B 75 2.40 3.93 2.81
C ASN B 75 1.98 5.19 2.04
C ASN B 75 1.97 5.18 2.06
N THR B 76 2.07 6.34 2.70
CA THR B 76 1.69 7.59 2.07
C THR B 76 2.57 7.90 0.87
N MET B 77 3.88 7.62 0.99
CA MET B 77 4.79 7.90 -0.12
C MET B 77 4.40 7.09 -1.35
N PHE B 78 3.97 5.84 -1.17
CA PHE B 78 3.59 5.01 -2.30
C PHE B 78 2.26 5.46 -2.89
N SER B 79 1.25 5.69 -2.05
CA SER B 79 -0.06 6.05 -2.58
C SER B 79 -0.06 7.44 -3.20
N ASN B 80 0.74 8.37 -2.65
CA ASN B 80 0.94 9.66 -3.31
C ASN B 80 1.37 9.46 -4.76
N CYS B 81 2.42 8.66 -4.97
CA CYS B 81 2.87 8.31 -6.32
C CYS B 81 1.75 7.74 -7.17
N TYR B 82 1.05 6.72 -6.66
CA TYR B 82 -0.04 6.12 -7.43
C TYR B 82 -1.13 7.13 -7.75
N LEU B 83 -1.49 7.96 -6.77
CA LEU B 83 -2.56 8.94 -6.94
C LEU B 83 -2.20 10.01 -7.96
N TYR B 84 -0.95 10.50 -7.93
CA TYR B 84 -0.60 11.58 -8.85
C TYR B 84 -0.39 11.08 -10.27
N ASN B 85 0.20 9.91 -10.41
CA ASN B 85 0.57 9.41 -11.73
C ASN B 85 -0.52 8.48 -12.25
N LYS B 86 -0.28 7.84 -13.38
CA LYS B 86 -1.30 7.01 -14.02
C LYS B 86 -0.73 5.63 -14.30
N PRO B 87 -1.58 4.62 -14.49
CA PRO B 87 -1.06 3.27 -14.76
C PRO B 87 -0.19 3.28 -16.01
N GLY B 88 0.92 2.55 -15.94
CA GLY B 88 1.84 2.44 -17.04
C GLY B 88 3.04 3.38 -16.96
N ASP B 89 2.95 4.47 -16.19
CA ASP B 89 4.10 5.34 -16.03
C ASP B 89 5.25 4.58 -15.39
N ASP B 90 6.48 4.88 -15.86
CA ASP B 90 7.65 4.22 -15.32
C ASP B 90 7.87 4.53 -13.84
N ILE B 91 7.53 5.75 -13.41
CA ILE B 91 7.63 6.05 -11.98
C ILE B 91 6.74 5.13 -11.16
N VAL B 92 5.59 4.75 -11.69
CA VAL B 92 4.70 3.82 -10.98
C VAL B 92 5.33 2.44 -10.90
N LEU B 93 5.98 2.00 -11.98
CA LEU B 93 6.70 0.73 -11.96
C LEU B 93 7.76 0.72 -10.88
N MET B 94 8.49 1.83 -10.72
CA MET B 94 9.53 1.86 -9.72
C MET B 94 8.94 1.83 -8.32
N ALA B 95 7.88 2.61 -8.09
CA ALA B 95 7.22 2.59 -6.78
C ALA B 95 6.70 1.20 -6.46
N GLN B 96 6.16 0.50 -7.46
CA GLN B 96 5.62 -0.83 -7.19
C GLN B 96 6.72 -1.80 -6.79
N ALA B 97 7.91 -1.66 -7.38
CA ALA B 97 9.03 -2.52 -6.99
C ALA B 97 9.46 -2.25 -5.55
N LEU B 98 9.49 -0.98 -5.15
CA LEU B 98 9.87 -0.67 -3.78
C LEU B 98 8.77 -1.07 -2.80
N GLU B 99 7.51 -0.86 -3.17
CA GLU B 99 6.42 -1.25 -2.28
C GLU B 99 6.43 -2.76 -2.03
N LYS B 100 6.74 -3.55 -3.06
CA LYS B 100 6.84 -5.00 -2.87
C LYS B 100 7.97 -5.36 -1.92
N LEU B 101 9.13 -4.70 -2.07
CA LEU B 101 10.23 -4.92 -1.14
C LEU B 101 9.86 -4.45 0.27
N PHE B 102 9.20 -3.29 0.35
CA PHE B 102 8.74 -2.79 1.64
C PHE B 102 7.81 -3.79 2.31
N MET B 103 6.93 -4.40 1.53
CA MET B 103 5.99 -5.36 2.07
C MET B 103 6.71 -6.62 2.54
N GLN B 104 7.73 -7.04 1.79
CA GLN B 104 8.51 -8.23 2.18
C GLN B 104 9.24 -8.00 3.50
N LYS B 105 9.89 -6.84 3.64
CA LYS B 105 10.64 -6.57 4.86
C LYS B 105 9.72 -6.38 6.06
N LEU B 106 8.52 -5.84 5.85
CA LEU B 106 7.56 -5.72 6.95
C LEU B 106 7.16 -7.09 7.48
N SER B 107 7.08 -8.10 6.60
CA SER B 107 6.69 -9.44 7.01
C SER B 107 7.71 -10.05 7.95
N GLN B 108 8.96 -9.62 7.88
CA GLN B 108 10.03 -10.15 8.72
C GLN B 108 10.27 -9.31 9.96
N MET B 109 9.40 -8.35 10.24
CA MET B 109 9.60 -7.46 11.38
C MET B 109 9.48 -8.23 12.69
N PRO B 110 10.44 -8.11 13.61
CA PRO B 110 10.33 -8.81 14.89
C PRO B 110 9.09 -8.38 15.66
N GLN B 111 8.12 -9.29 15.77
CA GLN B 111 6.89 -9.01 16.50
C GLN B 111 7.20 -8.68 17.96
N GLU B 112 7.25 -7.40 18.29
CA GLU B 112 7.51 -6.97 19.65
C GLU B 112 6.22 -6.56 20.34
#